data_6N5Q
#
_entry.id   6N5Q
#
_cell.length_a   114.850
_cell.length_b   114.850
_cell.length_c   114.650
_cell.angle_alpha   90.000
_cell.angle_beta   90.000
_cell.angle_gamma   120.000
#
_symmetry.space_group_name_H-M   'P 31 2 1'
#
loop_
_entity.id
_entity.type
_entity.pdbx_description
1 polymer 'RNA (128-MER)'
2 non-polymer "(2R,3R,3aS,5R,7aR,9R,10R,10aS,12R,14aR)-2,9-bis(6-amino-9H-purin-9-yl)octahydro-2H,7H-difuro[3,2-d:3',2'-j][1,3,7,9,2,8 ]tetraoxadiphosphacyclododecine-3,5,10,12-tetrol 5,12-dioxide"
3 non-polymer 'MAGNESIUM ION'
4 non-polymer 'POTASSIUM ION'
5 non-polymer 'SULFATE ION'
6 water water
#
_entity_poly.entity_id   1
_entity_poly.type   'polyribonucleotide'
_entity_poly.pdbx_seq_one_letter_code
;(GTP)GUUGCCGAAUCCACCUAGAAAUGGUACGGAGGAACCGCUUUUUGGGGUUAAUCUGCAGUGAAGCUGCAGUAGGGA
UACCUUCUGUCCCGCACCCGACAGCUAACUCCGGAGGCAAUAAAGGAAGGAG
;
_entity_poly.pdbx_strand_id   A
#